data_6NPM
#
_entry.id   6NPM
#
_cell.length_a   59.458
_cell.length_b   67.951
_cell.length_c   69.546
_cell.angle_alpha   90.00
_cell.angle_beta   90.00
_cell.angle_gamma   90.00
#
_symmetry.space_group_name_H-M   'P 21 21 21'
#
loop_
_entity.id
_entity.type
_entity.pdbx_description
1 polymer 'Epstein-Barr nuclear antigen 1'
2 non-polymer '5-(phenylethynyl)pyridine-3-carboxylic acid'
3 water water
#
_entity_poly.entity_id   1
_entity_poly.type   'polypeptide(L)'
_entity_poly.pdbx_seq_one_letter_code
;SHMGQGGSNPKFENIAEGLRALLARSHVERTTDEGTWVAGVFVYGGSKTSLYNLRRGTALAIPQCRLTPLSRLPFGMAPG
PGPQPGPLRESIVCYFMVFLQTHIFAEVLKDAIKDLVMTKPAPTCNIRVTVCSFDDGVDLP
;
_entity_poly.pdbx_strand_id   A,B
#
loop_
_chem_comp.id
_chem_comp.type
_chem_comp.name
_chem_comp.formula
KVD non-polymer '5-(phenylethynyl)pyridine-3-carboxylic acid' 'C14 H9 N O2'
#
# COMPACT_ATOMS: atom_id res chain seq x y z
N SER A 1 32.73 -5.94 11.75
CA SER A 1 31.30 -6.28 11.78
C SER A 1 31.12 -7.79 11.63
N HIS A 2 29.96 -8.29 12.06
CA HIS A 2 29.73 -9.73 12.07
C HIS A 2 29.80 -10.32 10.66
N MET A 3 30.39 -11.52 10.56
CA MET A 3 30.42 -12.28 9.32
C MET A 3 29.99 -13.71 9.62
N GLY A 4 29.10 -14.25 8.79
CA GLY A 4 28.60 -15.58 8.97
C GLY A 4 29.60 -16.62 8.49
N GLN A 5 29.19 -17.87 8.61
CA GLN A 5 30.06 -19.00 8.29
C GLN A 5 30.55 -18.90 6.86
N GLY A 6 31.85 -19.04 6.69
CA GLY A 6 32.41 -19.01 5.37
C GLY A 6 32.59 -17.63 4.82
N GLY A 7 32.42 -16.59 5.63
CA GLY A 7 32.80 -15.25 5.24
C GLY A 7 31.76 -14.47 4.49
N SER A 8 30.50 -14.86 4.61
CA SER A 8 29.39 -14.27 3.88
C SER A 8 28.24 -14.06 4.86
N ASN A 9 27.43 -13.03 4.60
CA ASN A 9 26.13 -12.91 5.23
C ASN A 9 25.02 -12.99 4.19
N PRO A 10 23.82 -13.40 4.58
CA PRO A 10 22.68 -13.33 3.65
C PRO A 10 22.41 -11.92 3.18
N LYS A 11 21.83 -11.80 1.99
CA LYS A 11 21.57 -10.48 1.43
C LYS A 11 20.69 -9.63 2.35
N PHE A 12 19.68 -10.23 3.00
CA PHE A 12 18.81 -9.40 3.83
C PHE A 12 19.54 -8.86 5.05
N GLU A 13 20.53 -9.60 5.56
CA GLU A 13 21.32 -9.11 6.69
C GLU A 13 22.19 -7.96 6.25
N ASN A 14 22.75 -8.04 5.04
CA ASN A 14 23.57 -6.94 4.56
C ASN A 14 22.73 -5.71 4.23
N ILE A 15 21.50 -5.89 3.75
CA ILE A 15 20.59 -4.75 3.59
C ILE A 15 20.32 -4.08 4.93
N ALA A 16 20.06 -4.87 5.97
CA ALA A 16 19.77 -4.29 7.28
C ALA A 16 20.95 -3.44 7.76
N GLU A 17 22.17 -3.95 7.60
CA GLU A 17 23.35 -3.21 8.00
C GLU A 17 23.52 -1.94 7.19
N GLY A 18 23.26 -2.00 5.89
CA GLY A 18 23.42 -0.82 5.06
C GLY A 18 22.39 0.22 5.43
N LEU A 19 21.16 -0.22 5.70
CA LEU A 19 20.12 0.72 6.11
C LEU A 19 20.47 1.35 7.44
N ARG A 20 20.96 0.55 8.39
CA ARG A 20 21.34 1.10 9.69
C ARG A 20 22.39 2.19 9.54
N ALA A 21 23.38 1.96 8.68
CA ALA A 21 24.43 2.97 8.47
C ALA A 21 23.85 4.25 7.91
N LEU A 22 22.95 4.14 6.92
CA LEU A 22 22.43 5.35 6.30
C LEU A 22 21.50 6.08 7.25
N LEU A 23 20.66 5.34 7.97
CA LEU A 23 19.69 5.95 8.87
C LEU A 23 20.36 6.63 10.06
N ALA A 24 21.55 6.16 10.44
CA ALA A 24 22.28 6.74 11.56
C ALA A 24 22.66 8.19 11.28
N ARG A 25 22.67 8.60 10.01
CA ARG A 25 23.00 9.97 9.68
C ARG A 25 21.88 10.95 9.99
N SER A 26 20.67 10.46 10.23
CA SER A 26 19.49 11.33 10.36
C SER A 26 18.78 11.05 11.67
N HIS A 27 18.92 11.94 12.64
CA HIS A 27 18.35 11.77 13.97
C HIS A 27 16.95 12.41 14.04
N VAL A 28 16.02 11.80 13.35
CA VAL A 28 14.67 12.33 13.22
C VAL A 28 13.69 11.48 14.03
N GLU A 29 12.56 12.09 14.39
CA GLU A 29 11.57 11.34 15.13
C GLU A 29 11.03 10.21 14.29
N ARG A 30 10.86 9.05 14.93
CA ARG A 30 10.24 7.89 14.30
C ARG A 30 8.87 7.57 14.86
N THR A 31 8.52 8.15 16.00
CA THR A 31 7.30 7.84 16.69
C THR A 31 6.66 9.14 17.18
N THR A 32 5.36 9.08 17.44
CA THR A 32 4.65 10.19 18.04
C THR A 32 3.89 9.69 19.26
N ASP A 33 3.52 10.63 20.13
CA ASP A 33 2.70 10.23 21.26
C ASP A 33 1.37 9.67 20.79
N GLU A 34 0.79 10.24 19.72
CA GLU A 34 -0.49 9.76 19.19
C GLU A 34 -0.37 8.33 18.65
N GLY A 35 0.81 7.97 18.13
CA GLY A 35 1.08 6.64 17.64
C GLY A 35 0.32 6.27 16.39
N THR A 36 -0.15 7.25 15.64
CA THR A 36 -0.90 6.97 14.43
C THR A 36 0.02 6.69 13.25
N TRP A 37 -0.46 5.86 12.33
CA TRP A 37 0.27 5.42 11.13
C TRP A 37 -0.19 6.32 9.98
N VAL A 38 0.50 7.44 9.83
CA VAL A 38 0.07 8.50 8.91
C VAL A 38 0.95 8.59 7.68
N ALA A 39 2.09 7.90 7.67
CA ALA A 39 3.06 7.98 6.60
C ALA A 39 3.46 6.59 6.15
N GLY A 40 4.13 6.52 5.02
CA GLY A 40 4.62 5.23 4.57
C GLY A 40 5.62 5.38 3.45
N VAL A 41 6.21 4.25 3.08
CA VAL A 41 7.05 4.14 1.90
C VAL A 41 6.51 3.00 1.07
N PHE A 42 6.29 3.24 -0.20
CA PHE A 42 5.75 2.30 -1.15
C PHE A 42 6.89 1.83 -2.04
N VAL A 43 7.23 0.53 -1.98
CA VAL A 43 8.45 -0.01 -2.58
C VAL A 43 8.05 -1.03 -3.62
N TYR A 44 8.61 -0.92 -4.84
CA TYR A 44 8.14 -1.78 -5.91
C TYR A 44 9.22 -1.97 -6.97
N GLY A 45 8.96 -2.93 -7.85
CA GLY A 45 9.86 -3.15 -8.94
C GLY A 45 11.01 -4.08 -8.59
N GLY A 46 12.05 -4.02 -9.40
CA GLY A 46 13.17 -4.93 -9.24
C GLY A 46 12.83 -6.33 -9.67
N SER A 47 12.66 -7.20 -8.69
CA SER A 47 12.22 -8.58 -8.86
C SER A 47 11.61 -8.99 -7.54
N LYS A 48 10.86 -10.09 -7.55
CA LYS A 48 10.29 -10.54 -6.28
C LYS A 48 11.39 -10.87 -5.27
N THR A 49 12.46 -11.52 -5.71
CA THR A 49 13.51 -11.91 -4.79
C THR A 49 14.22 -10.68 -4.23
N SER A 50 14.49 -9.68 -5.07
CA SER A 50 15.17 -8.49 -4.56
C SER A 50 14.29 -7.76 -3.54
N LEU A 51 12.98 -7.67 -3.80
CA LEU A 51 12.08 -7.05 -2.84
C LEU A 51 11.94 -7.89 -1.56
N TYR A 52 11.93 -9.21 -1.70
CA TYR A 52 11.94 -10.09 -0.54
C TYR A 52 13.10 -9.74 0.38
N ASN A 53 14.29 -9.63 -0.20
CA ASN A 53 15.48 -9.34 0.62
C ASN A 53 15.39 -7.96 1.25
N LEU A 54 14.92 -6.97 0.48
CA LEU A 54 14.79 -5.61 1.02
C LEU A 54 13.75 -5.55 2.12
N ARG A 55 12.61 -6.23 1.94
CA ARG A 55 11.58 -6.27 2.97
C ARG A 55 12.11 -6.87 4.27
N ARG A 56 12.75 -8.04 4.18
CA ARG A 56 13.28 -8.69 5.37
C ARG A 56 14.34 -7.81 6.04
N GLY A 57 15.19 -7.16 5.25
CA GLY A 57 16.22 -6.32 5.84
C GLY A 57 15.69 -5.05 6.46
N THR A 58 14.65 -4.46 5.88
CA THR A 58 14.01 -3.28 6.46
C THR A 58 13.45 -3.60 7.84
N ALA A 59 12.76 -4.74 7.94
CA ALA A 59 12.21 -5.16 9.23
C ALA A 59 13.29 -5.33 10.28
N LEU A 60 14.43 -5.93 9.90
CA LEU A 60 15.51 -6.17 10.84
C LEU A 60 16.13 -4.86 11.29
N ALA A 61 16.22 -3.90 10.39
CA ALA A 61 16.87 -2.65 10.72
C ALA A 61 15.99 -1.70 11.52
N ILE A 62 14.67 -1.76 11.36
CA ILE A 62 13.79 -0.72 11.87
C ILE A 62 12.62 -1.29 12.67
N PRO A 63 12.76 -1.42 13.99
CA PRO A 63 11.62 -1.93 14.76
C PRO A 63 10.41 -1.02 14.78
N GLN A 64 10.57 0.27 14.49
CA GLN A 64 9.50 1.24 14.63
C GLN A 64 8.55 1.26 13.44
N CYS A 65 8.76 0.41 12.45
CA CYS A 65 7.92 0.37 11.26
C CYS A 65 7.09 -0.91 11.25
N ARG A 66 6.16 -0.96 10.31
CA ARG A 66 5.33 -2.14 10.07
C ARG A 66 5.21 -2.35 8.57
N LEU A 67 5.24 -3.61 8.14
CA LEU A 67 5.33 -3.90 6.72
C LEU A 67 4.20 -4.80 6.24
N THR A 68 3.73 -4.56 5.03
CA THR A 68 2.83 -5.50 4.40
C THR A 68 3.62 -6.67 3.84
N PRO A 69 2.95 -7.75 3.53
CA PRO A 69 3.57 -8.78 2.68
C PRO A 69 3.91 -8.24 1.30
N LEU A 70 4.67 -9.05 0.58
CA LEU A 70 4.80 -8.83 -0.85
C LEU A 70 3.46 -9.07 -1.54
N SER A 71 3.16 -8.22 -2.51
CA SER A 71 2.01 -8.42 -3.36
C SER A 71 2.36 -7.95 -4.77
N ARG A 72 1.35 -7.85 -5.63
CA ARG A 72 1.54 -7.51 -7.02
C ARG A 72 0.81 -6.22 -7.39
N LEU A 73 1.38 -5.50 -8.33
CA LEU A 73 0.81 -4.29 -8.88
C LEU A 73 -0.10 -4.58 -10.07
N PRO A 74 -1.16 -3.79 -10.20
CA PRO A 74 -1.91 -3.77 -11.46
C PRO A 74 -1.11 -3.04 -12.54
N PHE A 75 -1.60 -3.11 -13.76
CA PHE A 75 -1.00 -2.37 -14.85
C PHE A 75 -1.39 -0.90 -14.81
N GLY A 76 -0.61 -0.06 -15.50
CA GLY A 76 -1.02 1.30 -15.75
C GLY A 76 -1.88 1.43 -16.99
N MET A 77 -1.45 2.27 -17.91
CA MET A 77 -2.09 2.37 -19.22
C MET A 77 -2.07 1.02 -19.92
N ALA A 78 -3.19 0.72 -20.58
CA ALA A 78 -3.35 -0.42 -21.48
C ALA A 78 -3.03 -1.74 -20.77
N PRO A 79 -3.85 -2.17 -19.83
CA PRO A 79 -3.57 -3.43 -19.13
C PRO A 79 -3.45 -4.62 -20.07
N GLY A 80 -2.71 -5.62 -19.61
CA GLY A 80 -2.59 -6.87 -20.33
C GLY A 80 -3.91 -7.60 -20.38
N PRO A 81 -3.96 -8.69 -21.15
CA PRO A 81 -5.24 -9.40 -21.34
C PRO A 81 -5.66 -10.19 -20.10
N GLY A 82 -6.98 -10.42 -20.00
CA GLY A 82 -7.51 -11.21 -18.94
C GLY A 82 -9.03 -11.23 -18.97
N PRO A 83 -9.64 -12.25 -18.35
CA PRO A 83 -11.10 -12.31 -18.31
C PRO A 83 -11.74 -11.31 -17.36
N GLN A 84 -10.95 -10.69 -16.45
CA GLN A 84 -11.49 -9.77 -15.47
C GLN A 84 -11.46 -8.35 -15.99
N PRO A 85 -12.23 -7.44 -15.39
CA PRO A 85 -12.10 -6.02 -15.76
C PRO A 85 -10.67 -5.53 -15.62
N GLY A 86 -10.28 -4.62 -16.51
CA GLY A 86 -8.94 -4.11 -16.59
C GLY A 86 -8.35 -3.65 -15.27
N PRO A 87 -9.12 -2.92 -14.45
CA PRO A 87 -8.55 -2.43 -13.18
C PRO A 87 -8.01 -3.51 -12.27
N LEU A 88 -8.48 -4.75 -12.43
CA LEU A 88 -8.10 -5.85 -11.55
C LEU A 88 -6.90 -6.64 -12.04
N ARG A 89 -6.53 -6.49 -13.30
CA ARG A 89 -5.54 -7.39 -13.87
C ARG A 89 -4.18 -7.15 -13.23
N GLU A 90 -3.48 -8.25 -12.94
CA GLU A 90 -2.23 -8.21 -12.20
C GLU A 90 -1.04 -8.31 -13.14
N SER A 91 -0.09 -7.39 -12.97
CA SER A 91 1.22 -7.46 -13.60
C SER A 91 2.09 -8.48 -12.87
N ILE A 92 3.32 -8.66 -13.36
CA ILE A 92 4.27 -9.50 -12.63
C ILE A 92 5.18 -8.66 -11.73
N VAL A 93 4.96 -7.37 -11.65
CA VAL A 93 5.76 -6.48 -10.80
C VAL A 93 5.20 -6.55 -9.39
N CYS A 94 6.10 -6.69 -8.42
CA CYS A 94 5.73 -6.83 -7.02
C CYS A 94 5.93 -5.52 -6.26
N TYR A 95 5.33 -5.45 -5.07
CA TYR A 95 5.47 -4.29 -4.19
C TYR A 95 5.30 -4.72 -2.76
N PHE A 96 5.73 -3.86 -1.84
CA PHE A 96 5.31 -3.91 -0.45
C PHE A 96 5.23 -2.49 0.08
N MET A 97 4.53 -2.32 1.21
CA MET A 97 4.41 -1.00 1.83
C MET A 97 4.97 -1.05 3.26
N VAL A 98 5.59 0.06 3.65
CA VAL A 98 6.05 0.29 5.00
C VAL A 98 5.17 1.35 5.61
N PHE A 99 4.60 1.09 6.80
CA PHE A 99 3.84 2.09 7.52
C PHE A 99 4.73 2.73 8.58
N LEU A 100 4.62 4.05 8.71
N LEU A 100 4.59 4.04 8.75
CA LEU A 100 5.42 4.85 9.63
CA LEU A 100 5.42 4.81 9.67
C LEU A 100 4.53 5.83 10.40
C LEU A 100 4.58 5.87 10.37
N GLN A 101 5.04 6.26 11.56
CA GLN A 101 4.36 7.23 12.39
C GLN A 101 4.72 8.67 12.08
N THR A 102 5.80 8.92 11.35
CA THR A 102 6.14 10.30 11.03
C THR A 102 6.47 10.47 9.55
N HIS A 103 6.10 11.64 9.05
CA HIS A 103 6.40 11.97 7.66
C HIS A 103 7.90 12.13 7.44
N ILE A 104 8.64 12.70 8.39
CA ILE A 104 10.06 12.90 8.13
C ILE A 104 10.78 11.56 8.06
N PHE A 105 10.41 10.60 8.92
CA PHE A 105 11.09 9.32 8.88
C PHE A 105 10.79 8.58 7.58
N ALA A 106 9.58 8.73 7.05
CA ALA A 106 9.29 8.18 5.72
C ALA A 106 10.21 8.78 4.66
N GLU A 107 10.44 10.10 4.71
CA GLU A 107 11.36 10.69 3.74
C GLU A 107 12.78 10.15 3.90
N VAL A 108 13.27 10.05 5.13
CA VAL A 108 14.62 9.54 5.39
C VAL A 108 14.74 8.10 4.94
N LEU A 109 13.70 7.29 5.18
CA LEU A 109 13.75 5.88 4.77
C LEU A 109 13.72 5.76 3.24
N LYS A 110 12.88 6.56 2.58
CA LYS A 110 12.85 6.58 1.13
C LYS A 110 14.23 6.89 0.56
N ASP A 111 14.90 7.90 1.11
CA ASP A 111 16.20 8.27 0.58
C ASP A 111 17.22 7.16 0.87
N ALA A 112 17.14 6.54 2.05
CA ALA A 112 18.06 5.46 2.38
C ALA A 112 17.90 4.27 1.44
N ILE A 113 16.67 3.87 1.16
CA ILE A 113 16.44 2.76 0.24
C ILE A 113 16.98 3.12 -1.13
N LYS A 114 16.71 4.33 -1.61
CA LYS A 114 17.22 4.72 -2.92
C LYS A 114 18.74 4.66 -2.98
N ASP A 115 19.41 5.18 -1.93
CA ASP A 115 20.86 5.19 -1.88
C ASP A 115 21.41 3.78 -1.81
N LEU A 116 20.75 2.91 -1.06
CA LEU A 116 21.25 1.56 -0.86
C LEU A 116 21.13 0.74 -2.13
N VAL A 117 19.95 0.74 -2.77
CA VAL A 117 19.77 -0.15 -3.91
C VAL A 117 20.64 0.28 -5.08
N MET A 118 21.04 1.56 -5.15
CA MET A 118 21.93 2.02 -6.21
C MET A 118 23.30 1.34 -6.12
N THR A 119 23.66 0.77 -4.98
CA THR A 119 24.93 0.07 -4.82
C THR A 119 24.85 -1.41 -5.13
N LYS A 120 23.71 -1.91 -5.47
CA LYS A 120 23.49 -3.32 -5.71
C LYS A 120 23.36 -3.60 -7.20
N PRO A 121 23.69 -4.81 -7.62
CA PRO A 121 23.52 -5.15 -9.03
C PRO A 121 22.04 -5.28 -9.38
N ALA A 122 21.77 -5.17 -10.68
CA ALA A 122 20.44 -5.49 -11.17
C ALA A 122 20.10 -6.93 -10.77
N PRO A 123 18.82 -7.20 -10.45
CA PRO A 123 17.70 -6.26 -10.58
C PRO A 123 17.42 -5.38 -9.36
N THR A 124 18.20 -5.55 -8.29
CA THR A 124 17.94 -4.82 -7.06
C THR A 124 18.02 -3.32 -7.29
N CYS A 125 18.95 -2.87 -8.16
CA CYS A 125 19.06 -1.42 -8.35
C CYS A 125 17.87 -0.84 -9.11
N ASN A 126 16.98 -1.67 -9.65
CA ASN A 126 15.80 -1.21 -10.37
C ASN A 126 14.60 -1.02 -9.44
N ILE A 127 14.76 -1.32 -8.15
CA ILE A 127 13.70 -1.07 -7.18
C ILE A 127 13.40 0.42 -7.11
N ARG A 128 12.11 0.73 -7.08
CA ARG A 128 11.57 2.08 -7.00
C ARG A 128 10.93 2.31 -5.64
N VAL A 129 10.94 3.56 -5.18
CA VAL A 129 10.32 3.88 -3.91
C VAL A 129 9.74 5.29 -3.96
N THR A 130 8.56 5.43 -3.35
CA THR A 130 7.98 6.73 -3.10
C THR A 130 7.42 6.79 -1.69
N VAL A 131 7.53 7.97 -1.10
CA VAL A 131 6.81 8.23 0.13
C VAL A 131 5.33 8.24 -0.16
N CYS A 132 4.53 7.78 0.82
CA CYS A 132 3.09 8.03 0.77
C CYS A 132 2.57 8.56 2.12
N SER A 133 1.44 9.19 2.01
CA SER A 133 0.74 9.74 3.16
C SER A 133 -0.70 9.24 3.18
N PHE A 134 -1.20 9.01 4.40
CA PHE A 134 -2.57 8.57 4.64
C PHE A 134 -3.33 9.67 5.36
N ASP A 135 -4.33 10.23 4.70
CA ASP A 135 -4.99 11.42 5.24
C ASP A 135 -5.54 11.19 6.63
N ASP A 136 -6.17 10.03 6.87
CA ASP A 136 -6.81 9.71 8.14
C ASP A 136 -6.04 8.65 8.91
N GLY A 137 -4.81 8.40 8.51
CA GLY A 137 -4.05 7.30 9.07
C GLY A 137 -4.61 5.95 8.67
N VAL A 138 -3.90 4.91 9.05
CA VAL A 138 -4.36 3.53 8.92
C VAL A 138 -4.40 2.94 10.31
N ASP A 139 -5.56 2.45 10.72
CA ASP A 139 -5.75 1.93 12.08
C ASP A 139 -5.29 0.48 12.08
N LEU A 140 -3.98 0.27 12.14
CA LEU A 140 -3.44 -1.08 12.16
C LEU A 140 -3.89 -1.85 13.40
N PRO A 141 -4.15 -3.16 13.27
CA PRO A 141 -4.76 -3.90 14.41
C PRO A 141 -3.84 -4.36 15.52
N SER B 8 -23.64 -11.61 -15.25
CA SER B 8 -23.24 -12.94 -14.83
C SER B 8 -22.89 -12.98 -13.35
N ASN B 9 -22.48 -11.84 -12.80
CA ASN B 9 -22.13 -11.71 -11.39
C ASN B 9 -23.02 -10.65 -10.79
N PRO B 10 -24.26 -10.99 -10.45
CA PRO B 10 -25.18 -9.95 -9.95
C PRO B 10 -24.70 -9.33 -8.66
N LYS B 11 -24.03 -10.07 -7.78
CA LYS B 11 -23.52 -9.46 -6.56
C LYS B 11 -22.54 -8.32 -6.86
N PHE B 12 -21.51 -8.57 -7.69
CA PHE B 12 -20.54 -7.52 -7.98
C PHE B 12 -21.19 -6.39 -8.76
N GLU B 13 -22.14 -6.71 -9.65
N GLU B 13 -22.15 -6.70 -9.64
CA GLU B 13 -22.80 -5.67 -10.44
CA GLU B 13 -22.81 -5.65 -10.42
C GLU B 13 -23.68 -4.79 -9.56
C GLU B 13 -23.73 -4.81 -9.53
N ASN B 14 -24.30 -5.38 -8.52
N ASN B 14 -24.34 -5.41 -8.51
CA ASN B 14 -25.13 -4.59 -7.63
CA ASN B 14 -25.14 -4.62 -7.59
C ASN B 14 -24.30 -3.64 -6.78
C ASN B 14 -24.28 -3.64 -6.80
N ILE B 15 -23.11 -4.08 -6.35
CA ILE B 15 -22.19 -3.19 -5.64
C ILE B 15 -21.74 -2.07 -6.56
N ALA B 16 -21.38 -2.40 -7.80
CA ALA B 16 -20.99 -1.39 -8.76
C ALA B 16 -22.10 -0.37 -9.00
N GLU B 17 -23.36 -0.83 -9.07
CA GLU B 17 -24.45 0.10 -9.30
C GLU B 17 -24.64 1.04 -8.11
N GLY B 18 -24.51 0.51 -6.90
CA GLY B 18 -24.59 1.34 -5.71
C GLY B 18 -23.50 2.39 -5.68
N LEU B 19 -22.28 1.99 -6.03
CA LEU B 19 -21.17 2.93 -6.11
C LEU B 19 -21.40 3.97 -7.21
N ARG B 20 -21.82 3.51 -8.40
CA ARG B 20 -22.06 4.45 -9.50
C ARG B 20 -23.10 5.49 -9.11
N ALA B 21 -24.15 5.08 -8.40
CA ALA B 21 -25.19 6.03 -8.01
C ALA B 21 -24.63 7.12 -7.11
N LEU B 22 -23.76 6.76 -6.18
CA LEU B 22 -23.13 7.74 -5.31
C LEU B 22 -22.15 8.61 -6.08
N LEU B 23 -21.36 7.99 -6.96
CA LEU B 23 -20.37 8.75 -7.72
C LEU B 23 -21.02 9.68 -8.74
N ALA B 24 -22.25 9.40 -9.15
CA ALA B 24 -22.88 10.21 -10.18
C ALA B 24 -23.20 11.62 -9.70
N ARG B 25 -23.19 11.85 -8.39
N ARG B 25 -23.20 11.86 -8.39
CA ARG B 25 -23.48 13.15 -7.81
CA ARG B 25 -23.50 13.17 -7.85
C ARG B 25 -22.30 14.11 -7.92
C ARG B 25 -22.28 14.09 -7.84
N SER B 26 -21.14 13.61 -8.30
CA SER B 26 -19.93 14.41 -8.49
C SER B 26 -19.53 14.36 -9.96
N HIS B 27 -18.88 15.41 -10.45
CA HIS B 27 -18.43 15.45 -11.83
C HIS B 27 -16.96 15.82 -11.93
N VAL B 28 -16.18 15.43 -10.94
CA VAL B 28 -14.77 15.82 -10.92
C VAL B 28 -13.97 14.93 -11.87
N GLU B 29 -12.85 15.46 -12.33
CA GLU B 29 -12.03 14.73 -13.29
C GLU B 29 -11.39 13.51 -12.66
N ARG B 30 -11.41 12.40 -13.40
CA ARG B 30 -10.82 11.14 -12.94
C ARG B 30 -9.48 10.85 -13.58
N THR B 31 -9.15 11.52 -14.66
CA THR B 31 -7.91 11.29 -15.39
C THR B 31 -7.21 12.62 -15.61
N THR B 32 -5.94 12.53 -15.97
CA THR B 32 -5.15 13.69 -16.34
C THR B 32 -4.39 13.40 -17.62
N ASP B 33 -3.95 14.47 -18.29
CA ASP B 33 -3.13 14.29 -19.48
C ASP B 33 -1.79 13.64 -19.15
N GLU B 34 -1.26 13.91 -17.95
CA GLU B 34 -0.04 13.28 -17.51
C GLU B 34 -0.21 11.78 -17.33
N GLY B 35 -1.38 11.36 -16.89
CA GLY B 35 -1.68 9.95 -16.71
C GLY B 35 -0.97 9.28 -15.56
N THR B 36 -0.41 10.05 -14.63
CA THR B 36 0.34 9.47 -13.53
C THR B 36 -0.56 9.09 -12.34
N TRP B 37 -0.12 8.08 -11.60
CA TRP B 37 -0.88 7.48 -10.49
C TRP B 37 -0.35 8.12 -9.21
N VAL B 38 -0.98 9.23 -8.82
CA VAL B 38 -0.45 10.10 -7.77
C VAL B 38 -1.28 10.09 -6.51
N ALA B 39 -2.46 9.46 -6.52
CA ALA B 39 -3.34 9.44 -5.38
C ALA B 39 -3.98 8.07 -5.29
N GLY B 40 -4.80 7.87 -4.28
CA GLY B 40 -5.47 6.60 -4.17
C GLY B 40 -6.37 6.59 -2.96
N VAL B 41 -7.02 5.44 -2.81
N VAL B 41 -7.02 5.45 -2.80
CA VAL B 41 -7.81 5.14 -1.63
CA VAL B 41 -7.80 5.17 -1.61
C VAL B 41 -7.32 3.81 -1.08
C VAL B 41 -7.34 3.82 -1.07
N PHE B 42 -7.10 3.77 0.23
CA PHE B 42 -6.60 2.60 0.95
C PHE B 42 -7.78 2.06 1.74
N VAL B 43 -8.20 0.83 1.41
CA VAL B 43 -9.46 0.25 1.87
C VAL B 43 -9.11 -0.97 2.70
N TYR B 44 -9.69 -1.09 3.91
CA TYR B 44 -9.26 -2.18 4.78
C TYR B 44 -10.33 -2.53 5.78
N GLY B 45 -10.13 -3.68 6.43
CA GLY B 45 -11.05 -4.15 7.45
C GLY B 45 -12.24 -4.90 6.91
N GLY B 46 -13.36 -4.82 7.61
CA GLY B 46 -14.49 -5.63 7.25
C GLY B 46 -14.16 -7.09 7.42
N SER B 47 -14.18 -7.81 6.30
CA SER B 47 -13.77 -9.21 6.25
C SER B 47 -13.07 -9.39 4.91
N LYS B 48 -12.33 -10.49 4.77
CA LYS B 48 -11.66 -10.73 3.51
C LYS B 48 -12.66 -10.78 2.37
N THR B 49 -13.78 -11.49 2.58
CA THR B 49 -14.71 -11.68 1.48
C THR B 49 -15.47 -10.39 1.16
N SER B 50 -15.84 -9.60 2.17
CA SER B 50 -16.56 -8.36 1.85
C SER B 50 -15.65 -7.35 1.17
N LEU B 51 -14.37 -7.31 1.57
CA LEU B 51 -13.43 -6.45 0.87
C LEU B 51 -13.25 -6.90 -0.57
N TYR B 52 -13.13 -8.22 -0.79
CA TYR B 52 -13.03 -8.75 -2.15
C TYR B 52 -14.22 -8.31 -2.99
N ASN B 53 -15.42 -8.46 -2.44
CA ASN B 53 -16.63 -8.08 -3.18
C ASN B 53 -16.64 -6.60 -3.50
N LEU B 54 -16.26 -5.76 -2.54
CA LEU B 54 -16.16 -4.33 -2.80
C LEU B 54 -15.15 -4.04 -3.90
N ARG B 55 -14.01 -4.74 -3.88
CA ARG B 55 -12.99 -4.56 -4.89
C ARG B 55 -13.54 -4.89 -6.28
N ARG B 56 -14.29 -5.99 -6.40
CA ARG B 56 -14.89 -6.35 -7.69
C ARG B 56 -15.88 -5.28 -8.15
N GLY B 57 -16.68 -4.75 -7.23
CA GLY B 57 -17.64 -3.71 -7.62
C GLY B 57 -16.97 -2.42 -8.03
N THR B 58 -15.88 -2.09 -7.34
CA THR B 58 -15.12 -0.88 -7.66
C THR B 58 -14.52 -0.97 -9.06
N ALA B 59 -14.00 -2.15 -9.43
CA ALA B 59 -13.42 -2.33 -10.76
C ALA B 59 -14.45 -2.07 -11.84
N LEU B 60 -15.70 -2.46 -11.59
CA LEU B 60 -16.74 -2.29 -12.59
C LEU B 60 -17.22 -0.85 -12.65
N ALA B 61 -17.30 -0.18 -11.49
CA ALA B 61 -17.82 1.18 -11.44
C ALA B 61 -16.79 2.21 -11.88
N ILE B 62 -15.51 1.88 -11.84
CA ILE B 62 -14.47 2.87 -12.08
C ILE B 62 -13.43 2.29 -13.04
N PRO B 63 -13.70 2.29 -14.33
CA PRO B 63 -12.68 1.83 -15.30
C PRO B 63 -11.36 2.61 -15.20
N GLN B 64 -11.39 3.84 -14.67
CA GLN B 64 -10.24 4.71 -14.67
C GLN B 64 -9.26 4.41 -13.54
N CYS B 65 -9.61 3.51 -12.63
CA CYS B 65 -8.74 3.19 -11.50
C CYS B 65 -7.95 1.91 -11.77
N ARG B 66 -6.98 1.65 -10.91
CA ARG B 66 -6.27 0.37 -10.89
C ARG B 66 -6.24 -0.14 -9.45
N LEU B 67 -6.27 -1.47 -9.29
CA LEU B 67 -6.48 -2.07 -8.00
C LEU B 67 -5.40 -3.09 -7.70
N THR B 68 -4.91 -3.09 -6.46
CA THR B 68 -4.09 -4.21 -6.02
C THR B 68 -4.98 -5.41 -5.71
N PRO B 69 -4.41 -6.60 -5.67
CA PRO B 69 -5.08 -7.71 -4.98
C PRO B 69 -5.29 -7.38 -3.51
N LEU B 70 -6.13 -8.16 -2.85
CA LEU B 70 -6.16 -8.11 -1.39
C LEU B 70 -4.82 -8.54 -0.83
N SER B 71 -4.44 -7.95 0.27
CA SER B 71 -3.31 -8.43 1.04
C SER B 71 -3.62 -8.21 2.50
N ARG B 72 -2.63 -8.38 3.35
N ARG B 72 -2.62 -8.41 3.35
CA ARG B 72 -2.82 -8.37 4.79
CA ARG B 72 -2.81 -8.38 4.79
C ARG B 72 -2.09 -7.21 5.45
C ARG B 72 -2.10 -7.19 5.42
N LEU B 73 -2.71 -6.66 6.49
CA LEU B 73 -2.08 -5.61 7.28
C LEU B 73 -1.21 -6.20 8.37
N PRO B 74 -0.08 -5.57 8.64
CA PRO B 74 0.66 -5.83 9.88
C PRO B 74 -0.08 -5.27 11.09
N PHE B 75 0.40 -5.63 12.27
CA PHE B 75 -0.14 -5.05 13.50
C PHE B 75 0.38 -3.63 13.75
N GLY B 76 -0.34 -2.91 14.60
CA GLY B 76 0.10 -1.61 15.05
C GLY B 76 0.89 -1.68 16.34
N MET B 77 0.61 -0.79 17.28
CA MET B 77 1.22 -0.83 18.60
C MET B 77 0.44 -1.73 19.54
N ALA B 78 1.18 -2.46 20.36
CA ALA B 78 0.56 -3.22 21.43
C ALA B 78 0.48 -2.36 22.70
N PRO B 79 -0.65 -2.34 23.40
CA PRO B 79 -0.70 -1.63 24.68
C PRO B 79 0.16 -2.33 25.71
N GLY B 80 0.55 -1.57 26.74
CA GLY B 80 1.29 -2.15 27.83
C GLY B 80 2.78 -2.06 27.63
N PRO B 81 3.54 -2.62 28.57
CA PRO B 81 5.01 -2.59 28.47
C PRO B 81 5.60 -3.81 27.77
N GLY B 82 4.78 -4.77 27.38
CA GLY B 82 5.26 -6.02 26.84
C GLY B 82 5.92 -5.82 25.50
N PRO B 83 6.21 -6.91 24.79
CA PRO B 83 6.90 -6.76 23.50
C PRO B 83 5.96 -6.20 22.44
N GLN B 84 6.53 -5.38 21.55
CA GLN B 84 5.84 -4.93 20.36
C GLN B 84 5.91 -6.02 19.31
N PRO B 85 4.97 -6.07 18.38
CA PRO B 85 5.08 -7.06 17.29
C PRO B 85 6.25 -6.71 16.36
N GLY B 86 6.87 -7.74 15.81
CA GLY B 86 7.89 -7.48 14.81
C GLY B 86 7.25 -6.85 13.59
N PRO B 87 8.04 -6.12 12.79
CA PRO B 87 7.47 -5.41 11.64
C PRO B 87 6.83 -6.28 10.58
N LEU B 88 7.24 -7.56 10.47
CA LEU B 88 6.68 -8.45 9.45
C LEU B 88 5.43 -9.20 9.90
N ARG B 89 5.10 -9.19 11.18
CA ARG B 89 3.95 -9.96 11.67
C ARG B 89 2.69 -9.56 10.91
N GLU B 90 1.94 -10.54 10.45
CA GLU B 90 0.72 -10.30 9.70
C GLU B 90 -0.50 -10.57 10.56
N SER B 91 -1.47 -9.67 10.45
CA SER B 91 -2.76 -9.82 11.10
C SER B 91 -3.73 -10.55 10.17
N ILE B 92 -4.94 -10.80 10.68
CA ILE B 92 -6.01 -11.34 9.84
C ILE B 92 -6.78 -10.27 9.10
N VAL B 93 -6.46 -8.98 9.30
CA VAL B 93 -7.14 -7.88 8.65
C VAL B 93 -6.55 -7.66 7.27
N CYS B 94 -7.41 -7.55 6.26
CA CYS B 94 -6.95 -7.38 4.89
C CYS B 94 -7.13 -5.94 4.42
N TYR B 95 -6.50 -5.64 3.28
CA TYR B 95 -6.61 -4.34 2.64
C TYR B 95 -6.48 -4.51 1.13
N PHE B 96 -6.91 -3.49 0.39
CA PHE B 96 -6.47 -3.32 -0.99
C PHE B 96 -6.30 -1.85 -1.25
N MET B 97 -5.54 -1.53 -2.29
N MET B 97 -5.56 -1.53 -2.30
CA MET B 97 -5.27 -0.17 -2.71
CA MET B 97 -5.33 -0.15 -2.69
C MET B 97 -5.93 0.12 -4.05
C MET B 97 -5.95 0.12 -4.05
N VAL B 98 -6.53 1.31 -4.16
CA VAL B 98 -7.06 1.85 -5.41
C VAL B 98 -6.12 2.95 -5.86
N PHE B 99 -5.50 2.80 -7.03
CA PHE B 99 -4.67 3.86 -7.59
C PHE B 99 -5.51 4.75 -8.50
N LEU B 100 -5.26 6.07 -8.41
CA LEU B 100 -6.03 7.08 -9.12
C LEU B 100 -5.11 8.17 -9.65
N GLN B 101 -5.56 8.83 -10.71
CA GLN B 101 -4.79 9.88 -11.35
C GLN B 101 -5.06 11.27 -10.77
N THR B 102 -6.11 11.43 -9.97
CA THR B 102 -6.37 12.73 -9.35
C THR B 102 -6.72 12.58 -7.87
N HIS B 103 -6.21 13.51 -7.05
CA HIS B 103 -6.56 13.53 -5.65
C HIS B 103 -8.01 13.94 -5.43
N ILE B 104 -8.51 14.84 -6.28
CA ILE B 104 -9.88 15.30 -6.12
C ILE B 104 -10.86 14.14 -6.27
N PHE B 105 -10.60 13.22 -7.20
CA PHE B 105 -11.48 12.06 -7.32
C PHE B 105 -11.22 11.06 -6.20
N ALA B 106 -9.97 10.93 -5.71
CA ALA B 106 -9.75 10.10 -4.53
C ALA B 106 -10.65 10.51 -3.39
N GLU B 107 -10.77 11.82 -3.13
CA GLU B 107 -11.63 12.29 -2.04
C GLU B 107 -13.09 11.90 -2.31
N VAL B 108 -13.54 12.01 -3.56
CA VAL B 108 -14.91 11.65 -3.90
C VAL B 108 -15.14 10.16 -3.71
N LEU B 109 -14.19 9.33 -4.11
CA LEU B 109 -14.34 7.89 -3.97
C LEU B 109 -14.34 7.49 -2.50
N LYS B 110 -13.47 8.09 -1.68
CA LYS B 110 -13.45 7.81 -0.25
C LYS B 110 -14.82 8.11 0.36
N ASP B 111 -15.40 9.25 0.02
CA ASP B 111 -16.72 9.57 0.56
C ASP B 111 -17.77 8.56 0.06
N ALA B 112 -17.69 8.15 -1.21
CA ALA B 112 -18.67 7.21 -1.75
C ALA B 112 -18.57 5.84 -1.10
N ILE B 113 -17.35 5.34 -0.87
CA ILE B 113 -17.21 4.06 -0.20
C ILE B 113 -17.77 4.14 1.21
N LYS B 114 -17.48 5.22 1.94
CA LYS B 114 -17.99 5.34 3.30
C LYS B 114 -19.52 5.29 3.30
N ASP B 115 -20.14 6.04 2.37
CA ASP B 115 -21.59 6.07 2.28
C ASP B 115 -22.15 4.72 1.84
N LEU B 116 -21.47 4.03 0.95
CA LEU B 116 -21.96 2.73 0.48
C LEU B 116 -21.99 1.71 1.60
N VAL B 117 -20.86 1.51 2.28
CA VAL B 117 -20.76 0.39 3.22
C VAL B 117 -21.60 0.63 4.47
N MET B 118 -21.91 1.88 4.80
CA MET B 118 -22.67 2.10 6.04
C MET B 118 -24.12 1.70 5.88
N THR B 119 -24.58 1.43 4.66
CA THR B 119 -25.92 0.92 4.46
C THR B 119 -26.03 -0.60 4.60
N LYS B 120 -24.93 -1.31 4.84
CA LYS B 120 -24.91 -2.77 4.86
C LYS B 120 -24.67 -3.31 6.25
N PRO B 121 -25.04 -4.55 6.55
CA PRO B 121 -24.77 -5.13 7.86
C PRO B 121 -23.29 -5.46 7.99
N ALA B 122 -22.88 -5.67 9.24
CA ALA B 122 -21.54 -6.18 9.52
C ALA B 122 -21.34 -7.51 8.80
N PRO B 123 -20.13 -7.79 8.31
CA PRO B 123 -18.93 -6.97 8.49
C PRO B 123 -18.69 -5.88 7.45
N THR B 124 -19.53 -5.80 6.42
CA THR B 124 -19.30 -4.83 5.37
C THR B 124 -19.23 -3.41 5.94
N CYS B 125 -20.11 -3.08 6.88
CA CYS B 125 -20.11 -1.73 7.38
C CYS B 125 -18.87 -1.41 8.21
N ASN B 126 -18.05 -2.41 8.54
CA ASN B 126 -16.82 -2.18 9.27
C ASN B 126 -15.63 -1.92 8.34
N ILE B 127 -15.85 -1.88 7.03
CA ILE B 127 -14.79 -1.52 6.10
C ILE B 127 -14.43 -0.07 6.33
N ARG B 128 -13.13 0.21 6.32
CA ARG B 128 -12.59 1.53 6.54
C ARG B 128 -11.86 2.00 5.30
N VAL B 129 -11.77 3.31 5.14
CA VAL B 129 -11.13 3.85 3.95
C VAL B 129 -10.48 5.19 4.29
N THR B 130 -9.29 5.39 3.72
CA THR B 130 -8.61 6.68 3.77
C THR B 130 -8.03 7.02 2.41
N VAL B 131 -8.06 8.30 2.08
CA VAL B 131 -7.31 8.79 0.93
C VAL B 131 -5.82 8.62 1.21
N CYS B 132 -5.07 8.33 0.16
CA CYS B 132 -3.62 8.35 0.27
C CYS B 132 -3.05 9.10 -0.92
N SER B 133 -1.83 9.54 -0.75
CA SER B 133 -1.12 10.24 -1.83
C SER B 133 0.28 9.69 -1.92
N PHE B 134 0.81 9.67 -3.15
CA PHE B 134 2.16 9.17 -3.45
C PHE B 134 3.01 10.36 -3.92
N ASP B 135 4.03 10.72 -3.12
CA ASP B 135 4.76 11.96 -3.37
C ASP B 135 5.28 12.02 -4.80
N ASP B 136 5.87 10.91 -5.27
CA ASP B 136 6.51 10.84 -6.57
C ASP B 136 5.68 10.04 -7.58
N GLY B 137 4.48 9.64 -7.19
CA GLY B 137 3.63 8.80 -8.01
C GLY B 137 4.11 7.36 -7.97
N VAL B 138 3.28 6.46 -8.49
CA VAL B 138 3.65 5.06 -8.66
C VAL B 138 3.65 4.75 -10.14
N ASP B 139 4.79 4.27 -10.65
CA ASP B 139 4.95 3.95 -12.07
C ASP B 139 4.44 2.53 -12.29
N LEU B 140 3.11 2.43 -12.34
CA LEU B 140 2.48 1.15 -12.63
C LEU B 140 2.92 0.67 -14.00
N PRO B 141 3.19 -0.64 -14.15
CA PRO B 141 3.84 -1.12 -15.38
C PRO B 141 2.98 -1.17 -16.64
C12 KVD C . -24.43 -1.57 -1.92
C13 KVD C . -24.89 -0.47 -1.20
C14 KVD C . -25.98 0.22 -1.66
C15 KVD C . -26.59 -0.16 -2.85
C16 KVD C . -26.11 -1.23 -3.56
C17 KVD C . -25.02 -1.94 -3.10
C02 KVD C . -20.63 -7.48 0.39
C04 KVD C . -20.41 -6.01 0.06
C05 KVD C . -19.14 -5.45 0.15
C07 KVD C . -19.92 -3.40 -0.50
C08 KVD C . -21.21 -3.90 -0.60
C09 KVD C . -21.47 -5.23 -0.32
C10 KVD C . -22.33 -2.99 -1.05
C11 KVD C . -23.24 -2.34 -1.39
N06 KVD C . -18.93 -4.17 -0.14
O01 KVD C . -19.64 -8.19 0.67
O03 KVD C . -21.81 -7.95 0.39
H131 KVD C . -24.48 -0.22 -0.41
H141 KVD C . -26.31 0.95 -1.19
H151 KVD C . -27.32 0.31 -3.16
H161 KVD C . -26.52 -1.47 -4.37
H171 KVD C . -24.69 -2.67 -3.58
H051 KVD C . -18.43 -5.98 0.42
H071 KVD C . -19.76 -2.51 -0.71
H091 KVD C . -22.33 -5.57 -0.39
#